data_9HGG
#
_entry.id   9HGG
#
_cell.length_a   44.565
_cell.length_b   51.043
_cell.length_c   54.901
_cell.angle_alpha   90.000
_cell.angle_beta   90.000
_cell.angle_gamma   90.000
#
_symmetry.space_group_name_H-M   'P 2 21 21'
#
loop_
_entity.id
_entity.type
_entity.pdbx_description
1 polymer 'Speckle-type POZ protein'
2 polymer 'Histone-lysine N-methyltransferase SETD2'
3 non-polymer 'MAGNESIUM ION'
4 water water
#
loop_
_entity_poly.entity_id
_entity_poly.type
_entity_poly.pdbx_seq_one_letter_code
_entity_poly.pdbx_strand_id
1 'polypeptide(L)'
;AAKVVKFSYMWTINNFSFCREEMGEVIKSSTFSSGANDKLKWCLRVNPKGLDEESKDYLSLYLLLVSCPKSEVRAKFKFS
ILNAKGEETKAMESQRAYRFVQGKDWGFKKFIRRDFLLDEANGLLPDDKLTLFCEVSVVQD
;
A
2 'polypeptide(L)' DKGSVQAPEISSNSIKD B
#
loop_
_chem_comp.id
_chem_comp.type
_chem_comp.name
_chem_comp.formula
MG non-polymer 'MAGNESIUM ION' 'Mg 2'
#
# COMPACT_ATOMS: atom_id res chain seq x y z
N ALA A 1 -16.50 19.09 -10.86
CA ALA A 1 -15.49 19.62 -9.95
C ALA A 1 -15.70 19.09 -8.55
N ALA A 2 -15.60 17.78 -8.40
CA ALA A 2 -15.68 17.17 -7.08
C ALA A 2 -14.61 17.79 -6.17
N LYS A 3 -14.92 17.86 -4.88
CA LYS A 3 -13.97 18.42 -3.90
C LYS A 3 -13.13 17.28 -3.32
N VAL A 4 -11.87 17.21 -3.73
CA VAL A 4 -10.94 16.18 -3.28
C VAL A 4 -9.93 16.82 -2.34
N VAL A 5 -9.54 16.09 -1.30
CA VAL A 5 -8.58 16.54 -0.31
C VAL A 5 -7.52 15.46 -0.20
N LYS A 6 -6.27 15.83 -0.49
CA LYS A 6 -5.18 14.88 -0.63
C LYS A 6 -4.24 14.98 0.56
N PHE A 7 -3.80 13.83 1.05
CA PHE A 7 -2.70 13.83 2.02
C PHE A 7 -1.83 12.60 1.85
N SER A 8 -0.61 12.72 2.34
CA SER A 8 0.45 11.78 2.05
C SER A 8 0.95 11.21 3.35
N TYR A 9 1.23 9.92 3.32
CA TYR A 9 1.68 9.20 4.48
C TYR A 9 2.95 8.44 4.10
N MET A 10 3.94 8.49 4.95
CA MET A 10 5.17 7.71 4.81
C MET A 10 5.29 6.67 5.92
N TRP A 11 5.54 5.44 5.53
CA TRP A 11 5.78 4.34 6.43
C TRP A 11 7.07 3.65 6.01
N THR A 12 7.97 3.52 6.96
CA THR A 12 9.21 2.78 6.74
C THR A 12 9.22 1.51 7.58
N ILE A 13 9.45 0.39 6.91
CA ILE A 13 9.61 -0.90 7.55
C ILE A 13 11.08 -1.22 7.67
N ASN A 14 11.52 -1.49 8.88
CA ASN A 14 12.93 -1.68 9.14
C ASN A 14 13.32 -3.15 9.00
N ASN A 15 14.59 -3.36 8.70
CA ASN A 15 15.18 -4.68 8.53
C ASN A 15 14.28 -5.56 7.66
N PHE A 16 13.99 -5.08 6.46
CA PHE A 16 12.92 -5.72 5.71
C PHE A 16 13.33 -7.12 5.24
N SER A 17 14.57 -7.29 4.79
CA SER A 17 15.02 -8.62 4.40
C SER A 17 14.77 -9.66 5.51
N PHE A 18 14.85 -9.25 6.78
CA PHE A 18 14.71 -10.15 7.91
C PHE A 18 13.26 -10.51 8.24
N CYS A 19 12.28 -10.02 7.47
CA CYS A 19 10.87 -10.31 7.79
C CYS A 19 10.60 -11.80 7.65
N ARG A 20 9.95 -12.40 8.65
CA ARG A 20 9.67 -13.83 8.63
C ARG A 20 8.20 -14.12 8.34
N GLU A 21 7.44 -13.10 8.01
CA GLU A 21 6.04 -13.33 7.65
C GLU A 21 6.00 -14.16 6.38
N GLU A 22 5.03 -15.07 6.31
CA GLU A 22 4.84 -15.88 5.13
C GLU A 22 3.55 -15.48 4.42
N MET A 23 3.28 -16.17 3.32
CA MET A 23 2.01 -16.05 2.63
C MET A 23 0.90 -15.89 3.64
N GLY A 24 0.12 -14.81 3.53
CA GLY A 24 -1.07 -14.64 4.31
C GLY A 24 -0.88 -13.78 5.54
N GLU A 25 0.34 -13.74 6.05
CA GLU A 25 0.62 -12.98 7.26
C GLU A 25 0.79 -11.51 6.88
N VAL A 26 0.47 -10.64 7.82
CA VAL A 26 0.37 -9.24 7.51
C VAL A 26 1.24 -8.45 8.48
N ILE A 27 1.82 -7.37 7.98
CA ILE A 27 2.39 -6.31 8.80
C ILE A 27 1.48 -5.10 8.67
N LYS A 28 1.00 -4.56 9.79
CA LYS A 28 0.17 -3.35 9.77
C LYS A 28 0.99 -2.12 10.19
N SER A 29 0.76 -1.02 9.51
CA SER A 29 1.31 0.24 9.95
C SER A 29 0.53 0.77 11.15
N SER A 30 1.08 1.81 11.75
CA SER A 30 0.33 2.59 12.71
C SER A 30 -0.81 3.37 12.01
N THR A 31 -1.81 3.74 12.81
CA THR A 31 -2.96 4.49 12.32
C THR A 31 -2.57 5.92 12.00
N PHE A 32 -3.17 6.48 10.95
CA PHE A 32 -2.89 7.86 10.56
C PHE A 32 -4.13 8.57 10.09
N SER A 33 -4.08 9.90 10.16
CA SER A 33 -5.26 10.73 10.03
C SER A 33 -5.11 11.66 8.85
N SER A 34 -6.24 12.05 8.29
CA SER A 34 -6.27 12.85 7.09
C SER A 34 -6.07 14.33 7.39
N ASP A 38 -10.70 16.31 9.97
CA ASP A 38 -11.62 15.66 9.04
C ASP A 38 -12.05 14.25 9.50
N LYS A 39 -11.43 13.78 10.58
CA LYS A 39 -11.90 12.67 11.39
C LYS A 39 -11.79 11.30 10.71
N LEU A 40 -11.00 11.16 9.66
CA LEU A 40 -10.79 9.86 9.04
C LEU A 40 -9.52 9.24 9.59
N LYS A 41 -9.56 7.94 9.89
CA LYS A 41 -8.38 7.23 10.37
C LYS A 41 -8.08 6.08 9.44
N TRP A 42 -6.81 5.86 9.15
CA TRP A 42 -6.39 4.88 8.14
C TRP A 42 -5.23 4.08 8.69
N CYS A 43 -4.96 2.94 8.07
CA CYS A 43 -3.68 2.26 8.28
C CYS A 43 -3.32 1.51 7.01
N LEU A 44 -2.03 1.18 6.87
CA LEU A 44 -1.55 0.39 5.74
C LEU A 44 -1.36 -1.04 6.19
N ARG A 45 -1.74 -1.98 5.32
CA ARG A 45 -1.46 -3.38 5.52
C ARG A 45 -0.52 -3.84 4.41
N VAL A 46 0.56 -4.54 4.80
CA VAL A 46 1.53 -5.12 3.89
C VAL A 46 1.64 -6.63 4.12
N ASN A 47 1.51 -7.39 3.03
CA ASN A 47 1.77 -8.83 3.03
C ASN A 47 3.10 -9.05 2.31
N PRO A 48 4.19 -9.28 3.04
CA PRO A 48 5.50 -9.35 2.38
C PRO A 48 5.59 -10.41 1.31
N LYS A 49 4.87 -11.51 1.50
CA LYS A 49 4.89 -12.64 0.61
C LYS A 49 3.50 -12.96 0.19
N GLY A 50 2.71 -11.91 -0.02
CA GLY A 50 1.41 -12.05 -0.55
C GLY A 50 0.37 -12.63 0.42
N LEU A 51 -0.65 -13.19 -0.21
CA LEU A 51 -1.81 -13.76 0.48
C LEU A 51 -2.11 -15.19 0.07
N ASP A 52 -1.60 -15.67 -1.05
CA ASP A 52 -1.97 -16.97 -1.61
C ASP A 52 -0.83 -17.42 -2.51
N GLU A 53 -0.82 -18.73 -2.80
CA GLU A 53 0.17 -19.26 -3.73
C GLU A 53 0.28 -18.36 -4.96
N GLU A 54 -0.86 -17.89 -5.47
CA GLU A 54 -0.87 -16.95 -6.60
C GLU A 54 0.15 -15.83 -6.43
N SER A 55 -0.01 -15.05 -5.36
CA SER A 55 0.75 -13.80 -5.21
C SER A 55 1.96 -13.96 -4.33
N LYS A 56 2.45 -15.21 -4.12
CA LYS A 56 3.51 -15.43 -3.15
C LYS A 56 4.82 -14.78 -3.58
N ASP A 57 5.01 -14.54 -4.88
CA ASP A 57 6.19 -13.85 -5.41
C ASP A 57 6.08 -12.34 -5.33
N TYR A 58 4.99 -11.84 -4.76
CA TYR A 58 4.76 -10.41 -4.71
C TYR A 58 4.55 -9.96 -3.28
N LEU A 59 4.79 -8.67 -3.08
CA LEU A 59 4.35 -7.98 -1.89
C LEU A 59 3.03 -7.33 -2.20
N SER A 60 2.03 -7.56 -1.35
CA SER A 60 0.74 -6.90 -1.46
C SER A 60 0.72 -5.65 -0.59
N LEU A 61 -0.12 -4.70 -0.98
CA LEU A 61 -0.23 -3.46 -0.23
C LEU A 61 -1.66 -2.97 -0.26
N TYR A 62 -2.20 -2.67 0.93
CA TYR A 62 -3.61 -2.36 1.05
C TYR A 62 -3.80 -1.17 1.96
N LEU A 63 -4.85 -0.38 1.66
CA LEU A 63 -5.26 0.77 2.47
C LEU A 63 -6.54 0.35 3.19
N LEU A 64 -6.52 0.45 4.54
CA LEU A 64 -7.65 0.14 5.44
C LEU A 64 -8.24 1.41 6.07
N LEU A 65 -9.56 1.56 5.99
CA LEU A 65 -10.24 2.59 6.75
C LEU A 65 -10.49 2.12 8.19
N VAL A 66 -9.87 2.81 9.15
CA VAL A 66 -10.04 2.45 10.55
C VAL A 66 -11.18 3.19 11.24
N SER A 67 -11.49 4.41 10.79
CA SER A 67 -12.54 5.17 11.44
C SER A 67 -13.08 6.20 10.46
N CYS A 68 -14.38 6.36 10.46
CA CYS A 68 -15.01 7.48 9.77
C CYS A 68 -16.21 7.92 10.58
N PRO A 69 -16.67 9.17 10.40
CA PRO A 69 -17.71 9.71 11.28
C PRO A 69 -19.12 9.52 10.76
N LYS A 70 -19.29 9.01 9.54
CA LYS A 70 -20.63 8.70 9.02
C LYS A 70 -20.56 7.25 8.56
N SER A 71 -21.03 6.92 7.35
CA SER A 71 -21.17 5.51 6.98
C SER A 71 -20.11 5.03 6.00
N GLU A 72 -19.99 5.66 4.84
CA GLU A 72 -19.03 5.22 3.82
C GLU A 72 -18.20 6.41 3.39
N VAL A 73 -16.96 6.11 3.00
CA VAL A 73 -15.99 7.08 2.52
C VAL A 73 -15.63 6.71 1.08
N ARG A 74 -15.43 7.71 0.26
CA ARG A 74 -15.08 7.51 -1.14
C ARG A 74 -13.69 8.09 -1.31
N ALA A 75 -12.74 7.27 -1.81
CA ALA A 75 -11.38 7.73 -1.94
C ALA A 75 -10.58 7.00 -3.01
N LYS A 76 -9.65 7.73 -3.61
CA LYS A 76 -8.59 7.18 -4.45
C LYS A 76 -7.33 7.11 -3.60
N PHE A 77 -6.41 6.25 -4.02
CA PHE A 77 -5.17 6.01 -3.28
C PHE A 77 -4.06 5.74 -4.30
N LYS A 78 -2.86 6.16 -3.96
CA LYS A 78 -1.65 5.95 -4.77
C LYS A 78 -0.58 5.43 -3.82
N PHE A 79 0.04 4.30 -4.18
CA PHE A 79 1.15 3.70 -3.45
C PHE A 79 2.41 3.82 -4.32
N SER A 80 3.55 4.14 -3.69
CA SER A 80 4.83 4.24 -4.36
C SER A 80 5.92 3.91 -3.32
N ILE A 81 7.16 3.77 -3.79
CA ILE A 81 8.27 3.29 -2.96
C ILE A 81 9.40 4.28 -3.09
N LEU A 82 10.09 4.57 -2.01
CA LEU A 82 11.24 5.46 -2.07
C LEU A 82 12.47 4.67 -2.46
N ASN A 83 13.17 5.11 -3.52
CA ASN A 83 14.37 4.40 -3.95
C ASN A 83 15.61 5.03 -3.34
N ALA A 84 16.76 4.40 -3.58
CA ALA A 84 17.97 4.88 -2.94
C ALA A 84 18.48 6.20 -3.49
N LYS A 85 17.98 6.66 -4.63
CA LYS A 85 18.33 7.97 -5.19
C LYS A 85 17.43 9.09 -4.66
N GLY A 86 16.40 8.76 -3.90
CA GLY A 86 15.53 9.79 -3.38
C GLY A 86 14.30 10.04 -4.20
N GLU A 87 13.86 9.08 -5.00
CA GLU A 87 12.77 9.26 -5.94
C GLU A 87 11.62 8.31 -5.64
N GLU A 88 10.39 8.80 -5.77
CA GLU A 88 9.22 7.92 -5.74
C GLU A 88 9.23 7.04 -6.97
N THR A 89 9.09 5.75 -6.76
CA THR A 89 9.29 4.74 -7.78
C THR A 89 8.16 3.74 -7.73
N LYS A 90 7.76 3.28 -8.91
CA LYS A 90 6.78 2.20 -9.10
C LYS A 90 5.38 2.58 -8.62
N ALA A 91 5.02 3.84 -8.83
CA ALA A 91 3.74 4.31 -8.35
C ALA A 91 2.62 3.61 -9.10
N MET A 92 1.60 3.23 -8.35
CA MET A 92 0.34 2.78 -8.91
C MET A 92 -0.81 3.42 -8.14
N GLU A 93 -1.81 3.90 -8.88
CA GLU A 93 -2.97 4.57 -8.29
C GLU A 93 -4.23 3.87 -8.77
N SER A 94 -5.25 3.90 -7.91
CA SER A 94 -6.61 3.60 -8.34
C SER A 94 -7.00 4.59 -9.43
N GLN A 95 -7.55 4.06 -10.51
CA GLN A 95 -7.95 4.96 -11.59
C GLN A 95 -9.15 5.79 -11.17
N ARG A 96 -9.79 5.42 -10.09
CA ARG A 96 -11.04 6.02 -9.65
C ARG A 96 -11.18 5.76 -8.17
N ALA A 97 -12.23 6.33 -7.58
CA ALA A 97 -12.45 6.26 -6.15
C ALA A 97 -13.07 4.92 -5.80
N TYR A 98 -12.67 4.38 -4.66
CA TYR A 98 -13.25 3.15 -4.10
C TYR A 98 -14.04 3.50 -2.84
N ARG A 99 -15.00 2.62 -2.51
CA ARG A 99 -15.91 2.81 -1.40
C ARG A 99 -15.38 2.08 -0.17
N PHE A 100 -15.05 2.84 0.87
CA PHE A 100 -14.55 2.33 2.14
C PHE A 100 -15.62 2.41 3.24
N VAL A 101 -15.67 1.40 4.10
CA VAL A 101 -16.30 1.52 5.41
C VAL A 101 -15.28 1.09 6.44
N GLN A 102 -15.59 1.30 7.72
CA GLN A 102 -14.63 0.93 8.75
C GLN A 102 -14.41 -0.57 8.64
N GLY A 103 -13.17 -1.00 8.70
CA GLY A 103 -12.83 -2.40 8.56
C GLY A 103 -12.43 -2.85 7.17
N LYS A 104 -12.70 -2.04 6.15
CA LYS A 104 -12.56 -2.43 4.75
C LYS A 104 -11.21 -2.01 4.21
N ASP A 105 -10.49 -2.93 3.53
CA ASP A 105 -9.25 -2.57 2.86
C ASP A 105 -9.46 -2.56 1.34
N TRP A 106 -8.66 -1.74 0.65
CA TRP A 106 -8.56 -1.80 -0.80
C TRP A 106 -7.09 -1.75 -1.17
N GLY A 107 -6.68 -2.51 -2.17
CA GLY A 107 -5.25 -2.46 -2.49
C GLY A 107 -4.86 -3.36 -3.62
N PHE A 108 -3.54 -3.52 -3.73
CA PHE A 108 -2.92 -4.27 -4.81
C PHE A 108 -2.37 -5.55 -4.19
N LYS A 109 -2.99 -6.66 -4.55
CA LYS A 109 -2.46 -7.96 -4.14
C LYS A 109 -1.06 -8.19 -4.72
N LYS A 110 -0.83 -7.79 -5.97
CA LYS A 110 0.48 -7.91 -6.61
C LYS A 110 1.08 -6.51 -6.75
N PHE A 111 1.54 -5.95 -5.65
CA PHE A 111 2.02 -4.57 -5.76
C PHE A 111 3.43 -4.47 -6.36
N ILE A 112 4.33 -5.37 -5.98
CA ILE A 112 5.69 -5.34 -6.52
C ILE A 112 6.28 -6.74 -6.38
N ARG A 113 6.92 -7.22 -7.45
CA ARG A 113 7.58 -8.51 -7.44
C ARG A 113 8.68 -8.53 -6.40
N ARG A 114 8.72 -9.61 -5.62
CA ARG A 114 9.72 -9.73 -4.58
C ARG A 114 11.12 -9.72 -5.17
N ASP A 115 11.33 -10.45 -6.26
CA ASP A 115 12.71 -10.51 -6.75
C ASP A 115 13.11 -9.22 -7.47
N PHE A 116 12.17 -8.30 -7.72
CA PHE A 116 12.54 -6.96 -8.17
C PHE A 116 12.87 -6.12 -6.95
N LEU A 117 12.09 -6.27 -5.90
CA LEU A 117 12.32 -5.55 -4.67
C LEU A 117 13.67 -5.88 -4.09
N LEU A 118 14.03 -7.16 -4.10
CA LEU A 118 15.26 -7.62 -3.49
C LEU A 118 16.48 -7.40 -4.36
N ASP A 119 16.31 -6.97 -5.62
CA ASP A 119 17.41 -6.73 -6.55
C ASP A 119 18.06 -5.39 -6.19
N GLU A 120 19.29 -5.46 -5.65
CA GLU A 120 19.94 -4.24 -5.19
CA GLU A 120 19.96 -4.24 -5.19
C GLU A 120 20.12 -3.23 -6.30
N ALA A 121 20.07 -3.68 -7.57
CA ALA A 121 20.19 -2.77 -8.69
C ALA A 121 19.02 -1.79 -8.78
N ASN A 122 17.86 -2.15 -8.25
CA ASN A 122 16.70 -1.28 -8.33
C ASN A 122 16.63 -0.30 -7.17
N GLY A 123 17.55 -0.42 -6.22
CA GLY A 123 17.70 0.53 -5.14
C GLY A 123 16.48 0.67 -4.24
N LEU A 124 15.68 -0.39 -4.03
CA LEU A 124 14.43 -0.22 -3.29
C LEU A 124 14.52 -0.55 -1.80
N LEU A 125 15.64 -1.06 -1.32
CA LEU A 125 15.76 -1.41 0.10
C LEU A 125 17.02 -0.82 0.68
N PRO A 126 17.21 0.49 0.51
CA PRO A 126 18.40 1.15 1.07
C PRO A 126 18.49 0.90 2.57
N ASP A 127 19.62 0.36 3.00
CA ASP A 127 19.86 0.06 4.41
C ASP A 127 18.90 -1.01 4.94
N ASP A 128 18.32 -1.80 4.04
CA ASP A 128 17.35 -2.83 4.38
C ASP A 128 16.04 -2.23 4.89
N LYS A 129 15.72 -1.03 4.45
CA LYS A 129 14.50 -0.34 4.85
C LYS A 129 13.60 -0.22 3.63
N LEU A 130 12.35 -0.57 3.80
CA LEU A 130 11.36 -0.39 2.75
C LEU A 130 10.49 0.79 3.13
N THR A 131 10.57 1.87 2.35
CA THR A 131 9.79 3.06 2.63
C THR A 131 8.68 3.21 1.60
N LEU A 132 7.46 3.23 2.10
CA LEU A 132 6.29 3.30 1.25
C LEU A 132 5.63 4.64 1.50
N PHE A 133 5.12 5.21 0.43
CA PHE A 133 4.26 6.38 0.49
C PHE A 133 2.84 5.99 0.10
N CYS A 134 1.86 6.55 0.78
CA CYS A 134 0.46 6.40 0.40
CA CYS A 134 0.47 6.41 0.38
C CYS A 134 -0.13 7.80 0.34
N GLU A 135 -0.64 8.17 -0.81
CA GLU A 135 -1.36 9.44 -0.97
C GLU A 135 -2.83 9.06 -1.10
N VAL A 136 -3.64 9.53 -0.16
CA VAL A 136 -5.07 9.29 -0.12
C VAL A 136 -5.78 10.54 -0.60
N SER A 137 -6.69 10.38 -1.55
CA SER A 137 -7.48 11.49 -2.08
C SER A 137 -8.95 11.24 -1.74
N VAL A 138 -9.42 11.93 -0.71
CA VAL A 138 -10.77 11.75 -0.20
C VAL A 138 -11.71 12.75 -0.87
N VAL A 139 -12.75 12.21 -1.49
CA VAL A 139 -13.80 13.00 -2.11
C VAL A 139 -14.76 13.47 -1.03
N GLN A 140 -14.98 14.76 -0.96
CA GLN A 140 -15.81 15.32 0.09
C GLN A 140 -17.27 15.39 -0.34
N ASP A 141 -18.17 15.07 0.58
CA ASP A 141 -19.59 15.06 0.31
C ASP A 141 -20.12 16.49 0.34
N LYS B 2 2.01 -11.88 -14.52
CA LYS B 2 2.36 -12.90 -15.51
C LYS B 2 3.89 -12.94 -15.66
N GLY B 3 4.57 -12.63 -14.55
CA GLY B 3 5.97 -12.27 -14.56
C GLY B 3 6.19 -10.78 -14.45
N SER B 4 5.11 -10.01 -14.42
CA SER B 4 5.20 -8.57 -14.45
C SER B 4 5.73 -8.06 -13.13
N VAL B 5 6.44 -6.94 -13.19
CA VAL B 5 6.90 -6.32 -11.95
C VAL B 5 5.74 -5.97 -11.05
N GLN B 6 4.59 -5.63 -11.65
CA GLN B 6 3.44 -5.13 -10.92
C GLN B 6 2.19 -5.63 -11.61
N ALA B 7 1.11 -5.71 -10.85
CA ALA B 7 -0.18 -5.89 -11.48
C ALA B 7 -1.09 -4.80 -10.95
N PRO B 8 -1.89 -4.16 -11.82
CA PRO B 8 -2.70 -3.02 -11.36
C PRO B 8 -4.06 -3.35 -10.77
N GLU B 9 -4.49 -4.62 -10.82
CA GLU B 9 -5.79 -5.00 -10.26
C GLU B 9 -5.91 -4.55 -8.81
N ILE B 10 -7.08 -3.99 -8.47
CA ILE B 10 -7.40 -3.59 -7.11
C ILE B 10 -8.45 -4.53 -6.55
N SER B 11 -8.25 -4.92 -5.29
CA SER B 11 -9.15 -5.86 -4.62
C SER B 11 -9.22 -5.53 -3.14
N SER B 12 -10.11 -6.25 -2.43
CA SER B 12 -10.41 -5.96 -1.03
C SER B 12 -10.40 -7.21 -0.15
N ASN B 13 -10.89 -7.07 1.08
CA ASN B 13 -10.98 -8.16 2.05
C ASN B 13 -9.68 -8.93 2.12
N SER B 14 -8.55 -8.19 2.08
CA SER B 14 -7.26 -8.84 2.20
C SER B 14 -7.13 -9.70 3.44
N ILE B 15 -8.00 -9.50 4.45
CA ILE B 15 -8.07 -10.41 5.60
C ILE B 15 -9.12 -11.49 5.30
MG MG C . 9.41 -1.51 11.32
MG MG D . 8.85 3.56 -11.85
MG MG E . 7.48 0.47 11.49
MG MG F . -15.89 -1.78 -6.67
MG MG G . 2.70 -11.99 13.08
#